data_7PCR
#
_entry.id   7PCR
#
_cell.length_a   158.490
_cell.length_b   158.490
_cell.length_c   214.260
_cell.angle_alpha   90.000
_cell.angle_beta   90.000
_cell.angle_gamma   90.000
#
_symmetry.space_group_name_H-M   'I 41 2 2'
#
loop_
_entity.id
_entity.type
_entity.pdbx_description
1 polymer 'Ribonuclease J'
2 water water
#
_entity_poly.entity_id   1
_entity_poly.type   'polypeptide(L)'
_entity_poly.pdbx_seq_one_letter_code
;SKASVKITPLGGLGEIGGNMMVIETPKSAIVIDAGMSFPKEGLFGVDILIPDFSYLHQIKDKIAGIIITHAHEDHIGATP
YLFKELQFPLYGTPLSLGLIGSKFDEHGLKKYRSYFKIVEKRCPISVGEFIIEWIHITHSIIDSSALAIQTKAGTIIHTG
DFKIDHTPVDNLPTDLYRLAHYGEKGVMLLLSDSTNSHKSGTTPSESTIAPAFDTLFKEAQGRVIMSTFSSNIHRVYQAI
QYGIKYNRKIAVIGRSMEKNLDIARELGYIHLPYQSFIEANEVAKYPDNEILIVTTGSQGETMSALYRMATDEHRHISIK
PNDLVIISAKAIPGNEASVSAVLNFLIKKEAKVAYQEFDNIHVSGHAAQEEQKLMLRLIKPKFFLPVHGEYNHVARHKQT
AISCGVPEKNIYLMEDGDQVEVGPAFIKKVGTIKSGKSYVDNQSNLSIDTSIVQQREEVASAGVFVATIFVNKNKQALLE
SSQFSSLGLVGFKDEKPLIKEIQGGLEVLLKSSNAEILNNPKKLEDHTRNFIRKALFKKFRKYPAIICHAHSF
;
_entity_poly.pdbx_strand_id   A
#
# COMPACT_ATOMS: atom_id res chain seq x y z
N SER A 1 -8.62 -39.70 5.59
CA SER A 1 -9.13 -39.76 4.22
C SER A 1 -10.05 -38.58 3.93
N LYS A 2 -10.41 -37.85 4.97
CA LYS A 2 -11.26 -36.67 4.79
C LYS A 2 -10.48 -35.54 4.14
N ALA A 3 -11.19 -34.67 3.44
CA ALA A 3 -10.57 -33.59 2.69
C ALA A 3 -10.15 -32.46 3.62
N SER A 4 -9.32 -31.56 3.08
CA SER A 4 -8.86 -30.40 3.82
C SER A 4 -8.33 -29.37 2.83
N VAL A 5 -8.18 -28.13 3.30
CA VAL A 5 -7.60 -27.06 2.51
C VAL A 5 -6.40 -26.49 3.27
N LYS A 6 -5.58 -25.74 2.54
CA LYS A 6 -4.35 -25.17 3.10
C LYS A 6 -4.33 -23.67 2.81
N ILE A 7 -4.39 -22.85 3.86
CA ILE A 7 -4.45 -21.37 3.73
C ILE A 7 -3.04 -20.82 3.93
N THR A 8 -2.44 -20.16 2.94
CA THR A 8 -1.08 -19.57 3.01
C THR A 8 -1.17 -18.05 2.83
N PRO A 9 -1.20 -17.24 3.89
CA PRO A 9 -1.13 -15.79 3.74
C PRO A 9 0.24 -15.34 3.23
N LEU A 10 0.31 -14.67 2.07
CA LEU A 10 1.57 -14.10 1.51
C LEU A 10 1.59 -12.61 1.81
N GLY A 11 0.46 -12.04 2.19
CA GLY A 11 0.37 -10.63 2.58
C GLY A 11 -0.95 -10.30 3.24
N GLY A 12 -0.99 -9.37 4.18
CA GLY A 12 -2.23 -8.95 4.84
C GLY A 12 -2.30 -9.30 6.31
N LEU A 13 -1.44 -10.19 6.79
CA LEU A 13 -1.38 -10.61 8.19
C LEU A 13 -0.06 -10.05 8.74
N GLY A 14 -0.03 -8.81 9.20
CA GLY A 14 1.16 -8.16 9.71
C GLY A 14 1.28 -6.73 9.19
N GLU A 15 0.31 -6.32 8.38
CA GLU A 15 0.28 -4.97 7.84
C GLU A 15 -1.13 -4.69 7.31
N ILE A 16 -1.48 -3.42 7.29
CA ILE A 16 -2.79 -3.02 6.73
C ILE A 16 -2.54 -2.80 5.25
N GLY A 17 -3.10 -3.67 4.43
CA GLY A 17 -2.92 -3.59 2.98
C GLY A 17 -1.98 -4.65 2.51
N GLY A 18 -1.72 -4.65 1.21
CA GLY A 18 -0.83 -5.64 0.64
C GLY A 18 -1.37 -7.04 0.73
N ASN A 19 -2.66 -7.18 0.55
CA ASN A 19 -3.34 -8.48 0.76
C ASN A 19 -3.12 -9.47 -0.38
N MET A 20 -2.68 -10.69 -0.06
CA MET A 20 -2.57 -11.81 -1.03
C MET A 20 -2.63 -13.11 -0.22
N MET A 21 -3.61 -13.97 -0.45
CA MET A 21 -3.79 -15.25 0.27
C MET A 21 -3.77 -16.37 -0.76
N VAL A 22 -3.43 -17.59 -0.39
CA VAL A 22 -3.46 -18.76 -1.31
C VAL A 22 -4.30 -19.82 -0.64
N ILE A 23 -5.43 -20.17 -1.22
CA ILE A 23 -6.26 -21.28 -0.76
C ILE A 23 -5.95 -22.48 -1.63
N GLU A 24 -5.37 -23.50 -1.01
CA GLU A 24 -4.82 -24.63 -1.78
C GLU A 24 -5.24 -26.01 -1.32
N THR A 25 -5.88 -26.77 -2.19
CA THR A 25 -6.13 -28.18 -2.01
C THR A 25 -5.09 -28.98 -2.80
N PRO A 26 -4.85 -30.23 -2.45
CA PRO A 26 -3.96 -31.06 -3.28
C PRO A 26 -4.42 -31.05 -4.73
N LYS A 27 -3.51 -30.67 -5.64
CA LYS A 27 -3.69 -30.57 -7.09
C LYS A 27 -4.48 -29.34 -7.55
N SER A 28 -4.80 -28.38 -6.66
CA SER A 28 -5.53 -27.21 -7.11
C SER A 28 -5.32 -26.05 -6.15
N ALA A 29 -5.40 -24.85 -6.69
CA ALA A 29 -5.10 -23.68 -5.87
C ALA A 29 -5.68 -22.42 -6.47
N ILE A 30 -6.09 -21.49 -5.62
CA ILE A 30 -6.54 -20.18 -6.05
C ILE A 30 -5.86 -19.13 -5.19
N VAL A 31 -5.65 -17.96 -5.80
CA VAL A 31 -4.99 -16.84 -5.09
C VAL A 31 -6.00 -15.72 -4.94
N ILE A 32 -6.26 -15.29 -3.72
CA ILE A 32 -7.23 -14.21 -3.46
C ILE A 32 -6.49 -12.90 -3.27
N ASP A 33 -6.62 -11.99 -4.23
CA ASP A 33 -6.05 -10.61 -4.16
C ASP A 33 -4.57 -10.51 -4.44
N ALA A 34 -4.14 -9.32 -4.84
CA ALA A 34 -2.71 -9.01 -5.05
C ALA A 34 -2.61 -7.53 -4.73
N GLY A 35 -2.40 -7.16 -3.48
CA GLY A 35 -2.53 -5.76 -3.06
C GLY A 35 -1.28 -4.98 -2.81
N MET A 36 -1.43 -3.67 -2.58
CA MET A 36 -0.32 -2.75 -2.26
C MET A 36 -0.56 -2.21 -0.86
N SER A 37 0.46 -2.11 -0.04
CA SER A 37 0.46 -1.56 1.30
C SER A 37 1.22 -0.24 1.32
N PHE A 38 0.67 0.74 2.00
CA PHE A 38 1.23 2.10 2.10
C PHE A 38 1.59 2.38 3.56
N PRO A 39 2.83 2.13 4.03
CA PRO A 39 3.14 2.30 5.43
C PRO A 39 3.33 3.74 5.92
N LYS A 40 3.84 4.63 5.07
CA LYS A 40 4.04 6.02 5.47
C LYS A 40 3.69 6.95 4.32
N GLU A 41 3.31 8.18 4.68
CA GLU A 41 3.05 9.24 3.71
C GLU A 41 3.67 10.53 4.21
N GLY A 42 4.49 11.16 3.37
CA GLY A 42 5.11 12.42 3.72
C GLY A 42 4.76 13.53 2.75
N LEU A 43 5.44 14.68 2.86
CA LEU A 43 5.18 15.79 1.97
C LEU A 43 5.68 15.55 0.56
N PHE A 44 6.56 14.56 0.36
CA PHE A 44 7.17 14.32 -0.93
C PHE A 44 6.71 13.02 -1.59
N GLY A 45 5.93 12.20 -0.91
CA GLY A 45 5.44 10.98 -1.50
C GLY A 45 5.03 9.98 -0.44
N VAL A 46 4.64 8.79 -0.92
CA VAL A 46 4.26 7.69 -0.06
C VAL A 46 5.23 6.54 -0.27
N ASP A 47 5.35 5.71 0.76
CA ASP A 47 6.04 4.43 0.63
C ASP A 47 5.05 3.38 0.16
N ILE A 48 5.50 2.51 -0.74
CA ILE A 48 4.66 1.48 -1.33
C ILE A 48 5.37 0.13 -1.21
N LEU A 49 4.65 -0.88 -0.76
CA LEU A 49 5.19 -2.22 -0.62
C LEU A 49 4.24 -3.23 -1.24
N ILE A 50 4.81 -4.18 -1.98
CA ILE A 50 4.04 -5.25 -2.62
C ILE A 50 4.52 -6.57 -2.03
N PRO A 51 3.68 -7.61 -2.05
CA PRO A 51 4.09 -8.90 -1.47
C PRO A 51 5.13 -9.60 -2.34
N ASP A 52 5.75 -10.61 -1.73
CA ASP A 52 6.74 -11.44 -2.42
C ASP A 52 6.04 -12.66 -3.01
N PHE A 53 6.21 -12.87 -4.31
CA PHE A 53 5.52 -13.93 -5.05
C PHE A 53 6.32 -15.23 -5.12
N SER A 54 7.32 -15.40 -4.25
CA SER A 54 8.20 -16.55 -4.37
C SER A 54 7.43 -17.87 -4.28
N TYR A 55 6.45 -17.98 -3.40
CA TYR A 55 5.77 -19.28 -3.22
C TYR A 55 4.91 -19.58 -4.43
N LEU A 56 4.48 -18.55 -5.13
CA LEU A 56 3.53 -18.81 -6.23
C LEU A 56 4.26 -19.54 -7.35
N HIS A 57 5.57 -19.35 -7.46
CA HIS A 57 6.38 -20.06 -8.47
C HIS A 57 6.39 -21.55 -8.14
N GLN A 58 6.34 -21.92 -6.87
CA GLN A 58 6.40 -23.33 -6.45
C GLN A 58 5.08 -24.03 -6.76
N ILE A 59 3.97 -23.32 -6.69
CA ILE A 59 2.64 -23.96 -6.90
C ILE A 59 2.04 -23.48 -8.22
N LYS A 60 2.87 -22.98 -9.12
CA LYS A 60 2.42 -22.42 -10.42
C LYS A 60 1.48 -23.36 -11.15
N ASP A 61 1.69 -24.66 -11.04
CA ASP A 61 0.89 -25.61 -11.85
C ASP A 61 -0.40 -26.04 -11.14
N LYS A 62 -0.72 -25.45 -10.00
CA LYS A 62 -1.99 -25.76 -9.31
C LYS A 62 -2.93 -24.58 -9.39
N ILE A 63 -2.39 -23.38 -9.64
CA ILE A 63 -3.23 -22.15 -9.60
C ILE A 63 -4.24 -22.15 -10.74
N ALA A 64 -5.51 -22.18 -10.38
CA ALA A 64 -6.58 -22.11 -11.37
C ALA A 64 -7.02 -20.68 -11.66
N GLY A 65 -6.58 -19.71 -10.87
CA GLY A 65 -6.92 -18.32 -11.14
C GLY A 65 -6.65 -17.37 -9.99
N ILE A 66 -6.60 -16.08 -10.30
CA ILE A 66 -6.50 -15.02 -9.31
C ILE A 66 -7.90 -14.47 -9.08
N ILE A 67 -8.28 -14.37 -7.82
CA ILE A 67 -9.66 -13.92 -7.48
C ILE A 67 -9.58 -12.51 -6.94
N ILE A 68 -10.20 -11.57 -7.64
CA ILE A 68 -10.17 -10.14 -7.24
C ILE A 68 -11.50 -9.78 -6.61
N THR A 69 -11.46 -9.25 -5.38
CA THR A 69 -12.71 -8.99 -4.62
C THR A 69 -12.98 -7.50 -4.49
N HIS A 70 -11.96 -6.66 -4.55
CA HIS A 70 -12.15 -5.23 -4.36
C HIS A 70 -11.45 -4.46 -5.46
N ALA A 71 -12.13 -3.43 -5.97
CA ALA A 71 -11.59 -2.58 -7.03
C ALA A 71 -10.87 -1.38 -6.41
N HIS A 72 -9.72 -1.66 -5.79
CA HIS A 72 -8.91 -0.65 -5.06
C HIS A 72 -7.45 -1.08 -5.00
N GLU A 73 -6.53 -0.15 -4.91
CA GLU A 73 -5.07 -0.41 -4.95
C GLU A 73 -4.61 -1.30 -3.81
N ASP A 74 -5.33 -1.35 -2.71
CA ASP A 74 -4.95 -2.15 -1.52
C ASP A 74 -5.28 -3.62 -1.78
N HIS A 75 -5.93 -3.92 -2.90
CA HIS A 75 -6.29 -5.31 -3.30
C HIS A 75 -5.89 -5.65 -4.74
N ILE A 76 -5.57 -4.70 -5.61
CA ILE A 76 -5.26 -4.94 -7.05
C ILE A 76 -3.99 -4.18 -7.45
N GLY A 77 -3.26 -3.63 -6.51
CA GLY A 77 -2.11 -2.78 -6.83
C GLY A 77 -0.92 -3.60 -7.25
N ALA A 78 -0.80 -4.80 -6.74
CA ALA A 78 0.35 -5.64 -7.05
C ALA A 78 0.16 -6.50 -8.29
N THR A 79 -1.02 -6.49 -8.90
CA THR A 79 -1.28 -7.36 -10.05
C THR A 79 -0.34 -7.09 -11.23
N PRO A 80 -0.07 -5.84 -11.63
CA PRO A 80 0.92 -5.65 -12.71
C PRO A 80 2.29 -6.20 -12.37
N TYR A 81 2.75 -6.02 -11.12
CA TYR A 81 4.07 -6.52 -10.75
C TYR A 81 4.10 -8.04 -10.67
N LEU A 82 2.98 -8.67 -10.30
CA LEU A 82 2.93 -10.13 -10.31
C LEU A 82 2.90 -10.67 -11.73
N PHE A 83 2.15 -10.01 -12.62
CA PHE A 83 2.03 -10.50 -13.99
C PHE A 83 3.28 -10.27 -14.81
N LYS A 84 4.27 -9.54 -14.29
CA LYS A 84 5.58 -9.50 -14.93
C LYS A 84 6.33 -10.82 -14.76
N GLU A 85 5.90 -11.66 -13.82
CA GLU A 85 6.56 -12.94 -13.53
C GLU A 85 5.71 -14.14 -13.92
N LEU A 86 4.44 -14.15 -13.53
CA LEU A 86 3.54 -15.27 -13.80
C LEU A 86 2.20 -14.74 -14.28
N GLN A 87 1.46 -15.59 -15.00
CA GLN A 87 0.16 -15.21 -15.54
C GLN A 87 -0.85 -16.32 -15.27
N PHE A 88 -2.03 -15.95 -14.81
CA PHE A 88 -3.15 -16.84 -14.55
C PHE A 88 -4.43 -16.10 -14.87
N PRO A 89 -5.52 -16.84 -15.12
CA PRO A 89 -6.81 -16.17 -15.35
C PRO A 89 -7.22 -15.32 -14.16
N LEU A 90 -7.77 -14.14 -14.45
CA LEU A 90 -8.13 -13.14 -13.45
C LEU A 90 -9.65 -13.02 -13.42
N TYR A 91 -10.28 -13.56 -12.38
CA TYR A 91 -11.72 -13.47 -12.21
C TYR A 91 -12.08 -12.20 -11.47
N GLY A 92 -12.98 -11.40 -12.03
CA GLY A 92 -13.33 -10.15 -11.38
C GLY A 92 -14.56 -9.50 -11.96
N THR A 93 -15.11 -8.57 -11.18
CA THR A 93 -16.23 -7.75 -11.64
C THR A 93 -15.72 -6.72 -12.66
N PRO A 94 -16.61 -6.12 -13.47
CA PRO A 94 -16.18 -5.19 -14.48
C PRO A 94 -15.22 -4.08 -14.01
N LEU A 95 -15.53 -3.36 -12.95
CA LEU A 95 -14.70 -2.19 -12.51
C LEU A 95 -13.35 -2.72 -12.05
N SER A 96 -13.31 -3.86 -11.39
CA SER A 96 -12.06 -4.40 -10.86
C SER A 96 -11.14 -4.67 -12.05
N LEU A 97 -11.64 -5.40 -13.05
CA LEU A 97 -10.85 -5.70 -14.24
C LEU A 97 -10.54 -4.44 -15.03
N GLY A 98 -11.43 -3.47 -15.01
CA GLY A 98 -11.22 -2.21 -15.73
C GLY A 98 -10.05 -1.44 -15.18
N LEU A 99 -9.90 -1.41 -13.86
CA LEU A 99 -8.84 -0.63 -13.20
C LEU A 99 -7.57 -1.45 -13.21
N ILE A 100 -7.67 -2.78 -13.25
CA ILE A 100 -6.47 -3.67 -13.31
C ILE A 100 -5.92 -3.57 -14.73
N GLY A 101 -6.77 -3.52 -15.74
CA GLY A 101 -6.32 -3.38 -17.12
C GLY A 101 -5.75 -2.01 -17.42
N SER A 102 -6.27 -0.97 -16.76
CA SER A 102 -5.66 0.35 -16.88
C SER A 102 -4.22 0.32 -16.40
N LYS A 103 -3.99 -0.26 -15.22
CA LYS A 103 -2.61 -0.37 -14.74
C LYS A 103 -1.78 -1.28 -15.63
N PHE A 104 -2.37 -2.33 -16.16
CA PHE A 104 -1.66 -3.28 -17.05
C PHE A 104 -1.18 -2.49 -18.27
N ASP A 105 -2.06 -1.67 -18.84
CA ASP A 105 -1.73 -0.85 -20.03
C ASP A 105 -0.59 0.08 -19.63
N GLU A 106 -0.68 0.76 -18.49
CA GLU A 106 0.41 1.62 -18.04
C GLU A 106 1.73 0.86 -17.92
N HIS A 107 1.67 -0.43 -17.59
CA HIS A 107 2.87 -1.23 -17.41
C HIS A 107 3.28 -1.99 -18.67
N GLY A 108 2.56 -1.91 -19.77
CA GLY A 108 2.96 -2.58 -21.02
C GLY A 108 2.62 -4.05 -20.94
N LEU A 109 1.50 -4.38 -20.31
CA LEU A 109 1.01 -5.76 -20.13
C LEU A 109 -0.43 -5.82 -20.63
N LYS A 110 -0.79 -5.03 -21.63
CA LYS A 110 -2.14 -5.04 -22.23
C LYS A 110 -2.38 -6.45 -22.74
N LYS A 111 -1.32 -7.13 -23.13
CA LYS A 111 -1.39 -8.52 -23.63
C LYS A 111 -2.20 -9.35 -22.66
N TYR A 112 -2.00 -9.15 -21.36
CA TYR A 112 -2.58 -10.01 -20.30
C TYR A 112 -3.99 -9.58 -19.95
N ARG A 113 -4.60 -8.65 -20.66
CA ARG A 113 -6.03 -8.34 -20.50
C ARG A 113 -6.73 -9.53 -21.14
N SER A 114 -6.00 -10.35 -21.89
CA SER A 114 -6.50 -11.59 -22.50
C SER A 114 -6.92 -12.51 -21.39
N TYR A 115 -6.28 -12.36 -20.24
CA TYR A 115 -6.53 -13.32 -19.17
C TYR A 115 -7.76 -12.97 -18.34
N PHE A 116 -8.42 -11.85 -18.65
CA PHE A 116 -9.53 -11.39 -17.82
C PHE A 116 -10.75 -12.29 -17.99
N LYS A 117 -11.50 -12.44 -16.90
CA LYS A 117 -12.75 -13.20 -16.89
CA LYS A 117 -12.75 -13.20 -16.89
C LYS A 117 -13.73 -12.46 -16.00
N ILE A 118 -14.75 -11.85 -16.62
CA ILE A 118 -15.74 -11.10 -15.87
C ILE A 118 -16.65 -12.05 -15.13
N VAL A 119 -17.09 -11.63 -13.94
CA VAL A 119 -18.03 -12.40 -13.13
C VAL A 119 -19.16 -11.47 -12.71
N GLU A 120 -20.33 -12.06 -12.46
CA GLU A 120 -21.43 -11.34 -11.86
C GLU A 120 -21.69 -11.90 -10.47
N LYS A 121 -22.35 -11.11 -9.64
CA LYS A 121 -22.61 -11.51 -8.28
C LYS A 121 -23.86 -12.38 -8.20
N ARG A 122 -23.95 -13.14 -7.10
CA ARG A 122 -25.03 -14.12 -6.92
C ARG A 122 -25.02 -15.17 -8.04
N CYS A 123 -23.83 -15.55 -8.48
CA CYS A 123 -23.66 -16.51 -9.57
C CYS A 123 -22.45 -17.38 -9.29
N PRO A 124 -22.65 -18.58 -8.74
CA PRO A 124 -21.50 -19.46 -8.48
C PRO A 124 -20.82 -19.90 -9.77
N ILE A 125 -19.50 -19.92 -9.74
CA ILE A 125 -18.67 -20.22 -10.90
C ILE A 125 -17.60 -21.23 -10.49
N SER A 126 -17.37 -22.23 -11.33
CA SER A 126 -16.36 -23.24 -11.05
C SER A 126 -14.98 -22.74 -11.46
N VAL A 127 -14.04 -22.75 -10.53
CA VAL A 127 -12.65 -22.42 -10.77
C VAL A 127 -11.82 -23.50 -10.10
N GLY A 128 -11.14 -24.32 -10.91
CA GLY A 128 -10.41 -25.45 -10.36
C GLY A 128 -11.32 -26.36 -9.58
N GLU A 129 -10.85 -26.78 -8.40
CA GLU A 129 -11.67 -27.57 -7.48
C GLU A 129 -12.45 -26.71 -6.50
N PHE A 130 -12.81 -25.48 -6.89
CA PHE A 130 -13.53 -24.56 -6.04
C PHE A 130 -14.76 -24.04 -6.76
N ILE A 131 -15.82 -23.76 -5.99
CA ILE A 131 -17.03 -23.12 -6.51
C ILE A 131 -17.14 -21.77 -5.82
N ILE A 132 -16.92 -20.69 -6.56
CA ILE A 132 -16.78 -19.36 -5.97
C ILE A 132 -18.00 -18.51 -6.31
N GLU A 133 -18.52 -17.80 -5.30
CA GLU A 133 -19.63 -16.87 -5.49
C GLU A 133 -19.25 -15.52 -4.91
N TRP A 134 -19.40 -14.47 -5.73
CA TRP A 134 -19.21 -13.09 -5.28
C TRP A 134 -20.53 -12.60 -4.69
N ILE A 135 -20.48 -12.12 -3.45
CA ILE A 135 -21.65 -11.58 -2.76
C ILE A 135 -21.39 -10.10 -2.49
N HIS A 136 -22.32 -9.25 -2.93
CA HIS A 136 -22.14 -7.82 -2.73
C HIS A 136 -22.03 -7.49 -1.25
N ILE A 137 -21.11 -6.58 -0.93
CA ILE A 137 -20.89 -6.14 0.44
C ILE A 137 -20.53 -4.65 0.41
N THR A 138 -20.92 -3.95 1.46
CA THR A 138 -20.67 -2.52 1.53
C THR A 138 -19.26 -2.24 2.04
N HIS A 139 -18.71 -1.11 1.60
CA HIS A 139 -17.35 -0.69 1.91
C HIS A 139 -17.22 0.73 1.36
N SER A 140 -16.08 1.37 1.64
CA SER A 140 -15.88 2.72 1.17
C SER A 140 -15.75 2.78 -0.35
N ILE A 141 -15.16 1.76 -0.95
CA ILE A 141 -14.86 1.77 -2.41
C ILE A 141 -16.12 1.51 -3.23
N ILE A 142 -16.09 1.73 -4.55
CA ILE A 142 -17.29 1.66 -5.42
C ILE A 142 -17.80 0.22 -5.50
N ASP A 143 -16.93 -0.78 -5.60
CA ASP A 143 -17.38 -2.20 -5.77
C ASP A 143 -16.61 -3.09 -4.81
N SER A 144 -17.30 -3.79 -3.93
CA SER A 144 -16.71 -4.72 -2.98
C SER A 144 -17.48 -6.02 -3.00
N SER A 145 -16.80 -7.11 -2.63
CA SER A 145 -17.40 -8.43 -2.70
C SER A 145 -16.82 -9.31 -1.61
N ALA A 146 -17.71 -9.98 -0.87
CA ALA A 146 -17.32 -11.14 -0.11
C ALA A 146 -17.33 -12.38 -1.01
N LEU A 147 -16.65 -13.43 -0.57
CA LEU A 147 -16.54 -14.66 -1.33
C LEU A 147 -17.13 -15.81 -0.53
N ALA A 148 -17.91 -16.64 -1.24
CA ALA A 148 -18.36 -17.93 -0.74
C ALA A 148 -17.69 -19.00 -1.59
N ILE A 149 -16.77 -19.75 -0.99
CA ILE A 149 -15.90 -20.67 -1.72
C ILE A 149 -16.24 -22.09 -1.25
N GLN A 150 -16.95 -22.84 -2.08
CA GLN A 150 -17.23 -24.24 -1.80
C GLN A 150 -16.04 -25.09 -2.21
N THR A 151 -15.52 -25.88 -1.28
CA THR A 151 -14.57 -26.95 -1.52
C THR A 151 -15.15 -28.25 -0.98
N LYS A 152 -14.56 -29.36 -1.38
CA LYS A 152 -15.04 -30.65 -0.91
C LYS A 152 -14.80 -30.85 0.59
N ALA A 153 -14.02 -29.99 1.22
CA ALA A 153 -13.85 -30.01 2.67
C ALA A 153 -14.89 -29.15 3.40
N GLY A 154 -15.61 -28.30 2.67
CA GLY A 154 -16.58 -27.40 3.29
C GLY A 154 -16.63 -26.06 2.58
N THR A 155 -17.44 -25.14 3.07
CA THR A 155 -17.56 -23.82 2.47
C THR A 155 -16.79 -22.80 3.32
N ILE A 156 -15.95 -22.01 2.65
CA ILE A 156 -15.19 -20.94 3.26
C ILE A 156 -15.88 -19.62 2.95
N ILE A 157 -15.87 -18.71 3.90
CA ILE A 157 -16.44 -17.37 3.72
C ILE A 157 -15.33 -16.36 3.92
N HIS A 158 -15.08 -15.54 2.91
CA HIS A 158 -14.03 -14.53 2.93
C HIS A 158 -14.67 -13.15 2.83
N THR A 159 -14.77 -12.45 3.96
CA THR A 159 -15.19 -11.05 3.92
C THR A 159 -14.00 -10.16 3.64
N GLY A 160 -12.99 -10.22 4.49
CA GLY A 160 -11.72 -9.52 4.19
C GLY A 160 -11.67 -8.02 4.38
N ASP A 161 -12.45 -7.28 3.62
CA ASP A 161 -12.49 -5.81 3.80
C ASP A 161 -13.92 -5.40 3.64
N PHE A 162 -14.53 -5.00 4.74
CA PHE A 162 -15.95 -4.67 4.65
C PHE A 162 -16.35 -3.76 5.80
N LYS A 163 -17.49 -3.10 5.60
CA LYS A 163 -18.26 -2.45 6.65
C LYS A 163 -19.73 -2.70 6.34
N ILE A 164 -20.58 -2.53 7.36
CA ILE A 164 -22.01 -2.72 7.21
C ILE A 164 -22.62 -1.33 7.13
N ASP A 165 -23.01 -0.93 5.92
CA ASP A 165 -23.59 0.38 5.66
C ASP A 165 -25.00 0.19 5.13
N HIS A 166 -26.00 0.49 5.96
CA HIS A 166 -27.39 0.31 5.58
C HIS A 166 -27.92 1.42 4.68
N THR A 167 -27.20 2.55 4.59
CA THR A 167 -27.55 3.63 3.66
C THR A 167 -26.31 4.04 2.90
N PRO A 168 -25.81 3.18 2.01
CA PRO A 168 -24.64 3.55 1.20
C PRO A 168 -25.01 4.56 0.13
N VAL A 169 -23.98 5.08 -0.55
CA VAL A 169 -24.20 6.14 -1.52
C VAL A 169 -24.86 5.60 -2.78
N ASP A 170 -24.49 4.40 -3.22
CA ASP A 170 -25.05 3.82 -4.42
C ASP A 170 -26.40 3.15 -4.20
N ASN A 171 -26.89 3.11 -2.96
CA ASN A 171 -28.09 2.35 -2.59
C ASN A 171 -27.99 0.90 -3.06
N LEU A 172 -26.86 0.28 -2.76
CA LEU A 172 -26.65 -1.15 -2.95
C LEU A 172 -26.11 -1.69 -1.64
N PRO A 173 -26.99 -1.99 -0.68
CA PRO A 173 -26.54 -2.48 0.62
C PRO A 173 -26.05 -3.92 0.52
N THR A 174 -25.46 -4.39 1.62
CA THR A 174 -24.90 -5.73 1.67
C THR A 174 -25.97 -6.78 1.39
N ASP A 175 -25.65 -7.74 0.52
CA ASP A 175 -26.52 -8.86 0.23
C ASP A 175 -26.53 -9.79 1.44
N LEU A 176 -27.34 -9.41 2.43
CA LEU A 176 -27.34 -10.12 3.71
C LEU A 176 -27.94 -11.51 3.60
N TYR A 177 -28.90 -11.71 2.69
CA TYR A 177 -29.57 -13.00 2.63
C TYR A 177 -28.61 -14.11 2.21
N ARG A 178 -27.73 -13.84 1.25
CA ARG A 178 -26.81 -14.87 0.80
C ARG A 178 -25.85 -15.28 1.91
N LEU A 179 -25.36 -14.32 2.65
CA LEU A 179 -24.38 -14.59 3.72
C LEU A 179 -25.08 -15.48 4.75
N ALA A 180 -26.32 -15.21 5.06
CA ALA A 180 -27.09 -15.97 6.07
C ALA A 180 -27.38 -17.37 5.57
N HIS A 181 -27.71 -17.51 4.28
CA HIS A 181 -28.05 -18.81 3.68
C HIS A 181 -26.85 -19.72 3.89
N TYR A 182 -25.68 -19.27 3.50
CA TYR A 182 -24.48 -20.12 3.56
C TYR A 182 -24.29 -20.52 5.02
N GLY A 183 -24.63 -19.63 5.95
CA GLY A 183 -24.47 -19.89 7.38
C GLY A 183 -25.42 -20.93 7.90
N GLU A 184 -26.66 -20.89 7.46
CA GLU A 184 -27.68 -21.90 7.85
C GLU A 184 -27.22 -23.24 7.30
N LYS A 185 -26.75 -23.27 6.06
CA LYS A 185 -26.36 -24.53 5.40
C LYS A 185 -25.15 -25.10 6.15
N GLY A 186 -24.26 -24.25 6.62
CA GLY A 186 -23.08 -24.66 7.39
C GLY A 186 -21.78 -24.13 6.80
N VAL A 187 -20.94 -23.48 7.59
CA VAL A 187 -19.69 -22.90 7.11
C VAL A 187 -18.53 -23.46 7.92
N MET A 188 -17.53 -23.98 7.21
CA MET A 188 -16.35 -24.53 7.88
C MET A 188 -15.47 -23.43 8.44
N LEU A 189 -15.13 -22.43 7.63
CA LEU A 189 -14.11 -21.46 7.98
C LEU A 189 -14.53 -20.07 7.52
N LEU A 190 -14.18 -19.06 8.34
CA LEU A 190 -14.46 -17.67 8.02
C LEU A 190 -13.19 -16.86 8.19
N LEU A 191 -12.87 -16.03 7.20
CA LEU A 191 -11.80 -15.05 7.28
C LEU A 191 -12.42 -13.66 7.20
N SER A 192 -12.12 -12.81 8.19
CA SER A 192 -12.85 -11.57 8.34
C SER A 192 -11.91 -10.40 8.60
N ASP A 193 -12.35 -9.19 8.29
CA ASP A 193 -11.53 -7.95 8.46
C ASP A 193 -11.24 -7.67 9.91
N SER A 194 -9.97 -7.43 10.22
CA SER A 194 -9.55 -7.17 11.60
C SER A 194 -8.95 -5.79 11.74
N THR A 195 -9.06 -4.96 10.72
CA THR A 195 -8.38 -3.63 10.73
C THR A 195 -8.93 -2.79 11.86
N ASN A 196 -10.24 -2.70 11.97
CA ASN A 196 -10.83 -1.83 12.98
C ASN A 196 -11.29 -2.62 14.21
N SER A 197 -10.52 -3.62 14.63
CA SER A 197 -10.95 -4.51 15.70
C SER A 197 -11.03 -3.84 17.06
N HIS A 198 -10.35 -2.71 17.25
CA HIS A 198 -10.23 -2.09 18.56
C HIS A 198 -11.30 -1.04 18.84
N LYS A 199 -12.23 -0.81 17.92
CA LYS A 199 -13.25 0.22 18.08
C LYS A 199 -14.61 -0.44 18.30
N SER A 200 -15.33 0.03 19.32
CA SER A 200 -16.65 -0.50 19.63
C SER A 200 -17.70 0.14 18.74
N GLY A 201 -18.94 -0.35 18.86
CA GLY A 201 -20.05 0.20 18.09
C GLY A 201 -19.97 -0.17 16.62
N THR A 202 -20.71 0.61 15.82
CA THR A 202 -20.71 0.47 14.38
C THR A 202 -20.02 1.67 13.73
N THR A 203 -19.51 1.46 12.52
CA THR A 203 -18.93 2.60 11.82
C THR A 203 -20.04 3.43 11.19
N PRO A 204 -19.90 4.76 11.19
CA PRO A 204 -20.95 5.61 10.61
C PRO A 204 -21.08 5.39 9.11
N SER A 205 -22.28 5.63 8.61
CA SER A 205 -22.57 5.45 7.19
C SER A 205 -21.84 6.49 6.36
N GLU A 206 -21.56 6.12 5.11
CA GLU A 206 -21.00 7.09 4.17
C GLU A 206 -21.96 8.24 3.89
N SER A 207 -23.25 8.06 4.18
CA SER A 207 -24.23 9.11 4.00
C SER A 207 -24.11 10.19 5.08
N THR A 208 -23.41 9.93 6.18
CA THR A 208 -23.18 10.95 7.19
C THR A 208 -22.19 12.02 6.73
N ILE A 209 -21.64 11.89 5.52
CA ILE A 209 -20.74 12.89 4.98
C ILE A 209 -21.49 13.90 4.14
N ALA A 210 -22.55 13.45 3.46
CA ALA A 210 -23.39 14.32 2.64
C ALA A 210 -23.78 15.63 3.32
N PRO A 211 -24.25 15.65 4.58
CA PRO A 211 -24.54 16.96 5.20
C PRO A 211 -23.30 17.80 5.40
N ALA A 212 -22.17 17.19 5.73
CA ALA A 212 -20.93 17.96 5.90
C ALA A 212 -20.49 18.59 4.59
N PHE A 213 -20.50 17.80 3.50
CA PHE A 213 -20.19 18.34 2.18
C PHE A 213 -21.15 19.47 1.82
N ASP A 214 -22.45 19.26 2.07
CA ASP A 214 -23.44 20.26 1.69
C ASP A 214 -23.23 21.56 2.47
N THR A 215 -22.90 21.46 3.75
CA THR A 215 -22.61 22.65 4.54
C THR A 215 -21.36 23.36 4.04
N LEU A 216 -20.30 22.60 3.77
CA LEU A 216 -19.05 23.20 3.34
C LEU A 216 -19.21 23.90 1.99
N PHE A 217 -20.02 23.33 1.10
CA PHE A 217 -20.23 23.96 -0.20
C PHE A 217 -21.20 25.13 -0.12
N LYS A 218 -22.20 25.03 0.76
CA LYS A 218 -23.17 26.12 0.93
C LYS A 218 -22.48 27.42 1.30
N GLU A 219 -21.59 27.38 2.29
CA GLU A 219 -20.99 28.57 2.86
C GLU A 219 -19.59 28.84 2.34
N ALA A 220 -19.17 28.17 1.26
CA ALA A 220 -17.90 28.46 0.61
C ALA A 220 -18.05 29.72 -0.23
N GLN A 221 -17.21 30.72 0.03
CA GLN A 221 -17.29 31.99 -0.67
C GLN A 221 -16.25 32.15 -1.76
N GLY A 222 -15.25 31.27 -1.82
CA GLY A 222 -14.26 31.30 -2.87
C GLY A 222 -14.16 29.97 -3.59
N ARG A 223 -12.97 29.63 -4.06
CA ARG A 223 -12.76 28.34 -4.68
C ARG A 223 -12.82 27.24 -3.64
N VAL A 224 -13.14 26.03 -4.09
CA VAL A 224 -13.11 24.84 -3.25
C VAL A 224 -12.12 23.86 -3.85
N ILE A 225 -11.14 23.45 -3.06
CA ILE A 225 -10.16 22.45 -3.46
C ILE A 225 -10.43 21.19 -2.67
N MET A 226 -10.36 20.04 -3.35
CA MET A 226 -10.60 18.73 -2.76
C MET A 226 -9.36 17.89 -3.02
N SER A 227 -8.56 17.67 -1.99
CA SER A 227 -7.31 16.93 -2.13
C SER A 227 -7.49 15.51 -1.61
N THR A 228 -7.14 14.54 -2.44
CA THR A 228 -7.28 13.13 -2.10
C THR A 228 -6.33 12.33 -2.99
N PHE A 229 -6.53 11.02 -3.05
CA PHE A 229 -5.66 10.07 -3.77
C PHE A 229 -6.39 9.57 -5.01
N SER A 230 -5.70 8.98 -5.98
CA SER A 230 -6.25 8.60 -7.30
C SER A 230 -7.37 7.56 -7.22
N SER A 231 -7.50 6.79 -6.15
CA SER A 231 -8.44 5.66 -6.08
C SER A 231 -9.64 5.92 -5.16
N ASN A 232 -9.88 7.15 -4.74
CA ASN A 232 -11.04 7.52 -3.88
C ASN A 232 -12.15 7.96 -4.83
N ILE A 233 -12.59 7.09 -5.72
CA ILE A 233 -13.59 7.45 -6.76
C ILE A 233 -14.87 7.86 -6.04
N HIS A 234 -15.23 7.18 -4.97
CA HIS A 234 -16.53 7.43 -4.28
C HIS A 234 -16.55 8.82 -3.66
N ARG A 235 -15.49 9.19 -2.96
CA ARG A 235 -15.44 10.49 -2.28
C ARG A 235 -15.39 11.56 -3.35
N VAL A 236 -14.63 11.35 -4.42
CA VAL A 236 -14.47 12.37 -5.48
C VAL A 236 -15.81 12.48 -6.20
N TYR A 237 -16.61 11.42 -6.24
CA TYR A 237 -17.92 11.41 -6.93
C TYR A 237 -18.92 12.15 -6.05
N GLN A 238 -18.78 12.02 -4.74
CA GLN A 238 -19.68 12.69 -3.77
C GLN A 238 -19.37 14.16 -3.85
N ALA A 239 -18.11 14.52 -4.03
CA ALA A 239 -17.67 15.92 -4.03
C ALA A 239 -18.05 16.58 -5.34
N ILE A 240 -17.94 15.89 -6.47
CA ILE A 240 -18.37 16.44 -7.76
C ILE A 240 -19.88 16.65 -7.78
N GLN A 241 -20.64 15.71 -7.20
CA GLN A 241 -22.08 15.89 -7.14
C GLN A 241 -22.44 17.16 -6.37
N TYR A 242 -21.77 17.39 -5.24
CA TYR A 242 -22.06 18.61 -4.48
C TYR A 242 -21.52 19.85 -5.18
N GLY A 243 -20.49 19.71 -6.01
CA GLY A 243 -20.03 20.84 -6.79
C GLY A 243 -21.01 21.24 -7.86
N ILE A 244 -21.60 20.27 -8.56
CA ILE A 244 -22.60 20.59 -9.57
C ILE A 244 -23.92 21.01 -8.94
N LYS A 245 -24.17 20.61 -7.69
CA LYS A 245 -25.38 21.09 -7.01
C LYS A 245 -25.31 22.60 -6.77
N TYR A 246 -24.12 23.14 -6.53
CA TYR A 246 -23.95 24.56 -6.24
C TYR A 246 -23.32 25.32 -7.41
N ASN A 247 -23.53 24.82 -8.63
CA ASN A 247 -23.15 25.52 -9.86
C ASN A 247 -21.66 25.84 -9.88
N ARG A 248 -20.84 24.84 -9.58
CA ARG A 248 -19.39 24.98 -9.65
C ARG A 248 -18.84 24.13 -10.79
N LYS A 249 -17.92 24.70 -11.55
CA LYS A 249 -17.25 23.97 -12.62
C LYS A 249 -16.12 23.13 -12.03
N ILE A 250 -16.08 21.86 -12.43
CA ILE A 250 -15.15 20.90 -11.84
C ILE A 250 -13.88 20.86 -12.67
N ALA A 251 -12.73 20.97 -12.01
CA ALA A 251 -11.42 20.85 -12.65
C ALA A 251 -10.66 19.74 -11.95
N VAL A 252 -10.46 18.62 -12.65
CA VAL A 252 -9.78 17.46 -12.09
C VAL A 252 -8.32 17.51 -12.53
N ILE A 253 -7.41 17.54 -11.57
CA ILE A 253 -5.97 17.53 -11.81
C ILE A 253 -5.45 16.16 -11.46
N GLY A 254 -4.70 15.55 -12.39
CA GLY A 254 -4.19 14.22 -12.19
C GLY A 254 -4.72 13.24 -13.22
N ARG A 255 -3.82 12.68 -14.03
CA ARG A 255 -4.26 11.81 -15.12
C ARG A 255 -4.93 10.55 -14.59
N SER A 256 -4.47 10.02 -13.46
CA SER A 256 -4.98 8.73 -12.94
C SER A 256 -6.40 8.90 -12.42
N MET A 257 -6.73 10.03 -11.81
CA MET A 257 -8.07 10.25 -11.22
C MET A 257 -9.07 10.33 -12.35
N GLU A 258 -8.74 11.03 -13.42
CA GLU A 258 -9.65 11.22 -14.57
C GLU A 258 -9.86 9.87 -15.24
N LYS A 259 -8.81 9.09 -15.36
CA LYS A 259 -8.90 7.77 -16.02
C LYS A 259 -9.81 6.90 -15.18
N ASN A 260 -9.58 6.85 -13.89
CA ASN A 260 -10.33 5.94 -13.00
C ASN A 260 -11.80 6.39 -13.03
N LEU A 261 -12.05 7.69 -13.05
CA LEU A 261 -13.43 8.23 -13.08
C LEU A 261 -14.05 7.88 -14.43
N ASP A 262 -13.27 7.94 -15.51
CA ASP A 262 -13.77 7.66 -16.87
C ASP A 262 -14.02 6.17 -17.02
N ILE A 263 -13.25 5.31 -16.35
CA ILE A 263 -13.41 3.83 -16.45
C ILE A 263 -14.72 3.51 -15.76
N ALA A 264 -15.08 4.22 -14.71
CA ALA A 264 -16.29 3.93 -13.91
C ALA A 264 -17.50 4.54 -14.57
N ARG A 265 -17.32 5.64 -15.29
CA ARG A 265 -18.43 6.34 -15.98
C ARG A 265 -18.83 5.47 -17.15
N GLU A 266 -17.85 4.93 -17.86
CA GLU A 266 -18.16 4.14 -19.04
C GLU A 266 -18.80 2.80 -18.67
N LEU A 267 -18.33 2.17 -17.59
CA LEU A 267 -18.89 0.91 -17.15
C LEU A 267 -20.20 1.05 -16.40
N GLY A 268 -20.67 2.28 -16.19
CA GLY A 268 -21.99 2.52 -15.63
C GLY A 268 -22.08 2.55 -14.13
N TYR A 269 -20.98 2.69 -13.41
CA TYR A 269 -21.00 2.67 -11.93
C TYR A 269 -21.34 4.08 -11.44
N ILE A 270 -20.90 5.11 -12.15
CA ILE A 270 -21.12 6.53 -11.76
C ILE A 270 -21.72 7.28 -12.95
N HIS A 271 -22.46 8.36 -12.71
CA HIS A 271 -23.10 9.21 -13.74
C HIS A 271 -22.55 10.63 -13.64
N LEU A 272 -21.82 11.12 -14.63
CA LEU A 272 -21.16 12.42 -14.57
C LEU A 272 -21.35 13.17 -15.88
N PRO A 273 -22.01 14.33 -15.86
CA PRO A 273 -22.18 15.10 -17.09
C PRO A 273 -20.89 15.78 -17.51
N TYR A 274 -20.61 15.75 -18.82
CA TYR A 274 -19.37 16.32 -19.34
C TYR A 274 -19.35 17.84 -19.20
N GLN A 275 -20.50 18.49 -19.37
CA GLN A 275 -20.53 19.95 -19.42
C GLN A 275 -20.13 20.60 -18.11
N SER A 276 -20.14 19.86 -17.00
CA SER A 276 -19.75 20.41 -15.71
C SER A 276 -18.24 20.50 -15.52
N PHE A 277 -17.45 19.91 -16.42
CA PHE A 277 -16.02 19.79 -16.24
C PHE A 277 -15.25 20.77 -17.11
N ILE A 278 -14.11 21.23 -16.60
CA ILE A 278 -13.23 22.17 -17.28
C ILE A 278 -11.80 21.71 -17.10
N GLU A 279 -10.89 22.36 -17.82
CA GLU A 279 -9.47 22.10 -17.70
C GLU A 279 -8.84 23.06 -16.69
N ALA A 280 -7.66 22.68 -16.19
CA ALA A 280 -6.97 23.52 -15.20
C ALA A 280 -6.68 24.91 -15.77
N ASN A 281 -6.19 24.97 -17.01
CA ASN A 281 -5.89 26.24 -17.66
C ASN A 281 -7.09 27.18 -17.67
N GLU A 282 -8.30 26.66 -17.48
CA GLU A 282 -9.51 27.48 -17.54
C GLU A 282 -9.96 28.01 -16.19
N VAL A 283 -9.37 27.54 -15.08
CA VAL A 283 -9.90 27.89 -13.76
C VAL A 283 -9.81 29.39 -13.51
N ALA A 284 -8.81 30.06 -14.07
CA ALA A 284 -8.67 31.49 -13.86
C ALA A 284 -9.70 32.29 -14.64
N LYS A 285 -10.34 31.68 -15.64
CA LYS A 285 -11.36 32.37 -16.42
C LYS A 285 -12.69 32.47 -15.69
N TYR A 286 -12.89 31.67 -14.62
CA TYR A 286 -14.13 31.64 -13.90
C TYR A 286 -14.00 32.36 -12.56
N PRO A 287 -15.08 32.97 -12.06
CA PRO A 287 -15.04 33.53 -10.70
C PRO A 287 -14.82 32.44 -9.67
N ASP A 288 -14.29 32.85 -8.52
CA ASP A 288 -13.79 31.88 -7.54
C ASP A 288 -14.91 31.02 -6.98
N ASN A 289 -16.09 31.60 -6.76
CA ASN A 289 -17.18 30.81 -6.17
C ASN A 289 -17.82 29.83 -7.17
N GLU A 290 -17.25 29.68 -8.37
CA GLU A 290 -17.75 28.74 -9.37
C GLU A 290 -16.74 27.65 -9.67
N ILE A 291 -15.78 27.40 -8.78
CA ILE A 291 -14.64 26.54 -9.06
C ILE A 291 -14.51 25.49 -7.98
N LEU A 292 -14.58 24.22 -8.38
CA LEU A 292 -14.15 23.09 -7.56
C LEU A 292 -13.00 22.40 -8.27
N ILE A 293 -11.85 22.38 -7.63
CA ILE A 293 -10.66 21.67 -8.12
C ILE A 293 -10.55 20.37 -7.34
N VAL A 294 -10.17 19.30 -8.04
CA VAL A 294 -9.92 18.00 -7.41
C VAL A 294 -8.48 17.62 -7.73
N THR A 295 -7.68 17.41 -6.69
CA THR A 295 -6.25 17.20 -6.83
C THR A 295 -5.85 15.82 -6.33
N THR A 296 -4.99 15.15 -7.10
CA THR A 296 -4.33 13.93 -6.67
C THR A 296 -2.86 14.01 -7.09
N GLY A 297 -2.07 13.07 -6.60
CA GLY A 297 -0.68 12.99 -6.99
C GLY A 297 -0.35 11.68 -7.65
N SER A 298 0.81 11.11 -7.34
CA SER A 298 1.12 9.77 -7.81
C SER A 298 0.29 8.75 -7.04
N GLN A 299 0.50 7.47 -7.31
CA GLN A 299 -0.31 6.40 -6.71
C GLN A 299 -0.25 6.51 -5.19
N GLY A 300 -1.40 6.64 -4.54
CA GLY A 300 -1.49 6.65 -3.07
C GLY A 300 -1.23 8.00 -2.47
N GLU A 301 -0.65 8.92 -3.23
CA GLU A 301 -0.27 10.19 -2.64
C GLU A 301 -1.45 11.14 -2.57
N THR A 302 -1.44 11.98 -1.55
CA THR A 302 -2.44 13.03 -1.36
C THR A 302 -1.82 14.38 -1.08
N MET A 303 -0.79 14.44 -0.23
CA MET A 303 -0.29 15.70 0.29
C MET A 303 0.93 16.23 -0.45
N SER A 304 1.54 15.45 -1.34
CA SER A 304 2.59 16.01 -2.19
C SER A 304 2.02 17.10 -3.09
N ALA A 305 0.85 16.84 -3.70
CA ALA A 305 0.20 17.84 -4.53
C ALA A 305 -0.21 19.06 -3.72
N LEU A 306 -0.75 18.84 -2.51
CA LEU A 306 -1.12 19.95 -1.65
C LEU A 306 0.10 20.79 -1.27
N TYR A 307 1.22 20.13 -0.96
CA TYR A 307 2.43 20.85 -0.62
C TYR A 307 2.95 21.65 -1.81
N ARG A 308 2.90 21.08 -3.01
CA ARG A 308 3.34 21.79 -4.20
C ARG A 308 2.43 22.98 -4.51
N MET A 309 1.14 22.86 -4.23
CA MET A 309 0.24 23.99 -4.44
C MET A 309 0.42 25.07 -3.38
N ALA A 310 0.75 24.67 -2.15
CA ALA A 310 0.94 25.61 -1.06
C ALA A 310 2.32 26.25 -1.05
N THR A 311 3.26 25.72 -1.82
CA THR A 311 4.59 26.33 -1.97
C THR A 311 4.71 27.10 -3.28
N ASP A 312 3.68 27.03 -4.13
CA ASP A 312 3.66 27.66 -5.45
C ASP A 312 4.67 27.02 -6.41
N GLU A 313 4.94 25.74 -6.21
CA GLU A 313 5.74 24.95 -7.14
C GLU A 313 4.89 24.02 -7.99
N HIS A 314 3.57 24.11 -7.89
CA HIS A 314 2.70 23.25 -8.67
C HIS A 314 2.66 23.67 -10.13
N ARG A 315 2.65 24.98 -10.38
CA ARG A 315 2.66 25.61 -11.70
C ARG A 315 1.38 25.40 -12.49
N HIS A 316 0.36 24.79 -11.90
CA HIS A 316 -0.97 24.74 -12.50
C HIS A 316 -2.04 25.34 -11.60
N ILE A 317 -1.95 25.13 -10.29
CA ILE A 317 -2.88 25.70 -9.33
C ILE A 317 -2.08 26.30 -8.19
N SER A 318 -2.46 27.51 -7.77
CA SER A 318 -1.84 28.18 -6.63
C SER A 318 -2.90 28.50 -5.59
N ILE A 319 -2.54 28.32 -4.32
CA ILE A 319 -3.49 28.56 -3.24
C ILE A 319 -3.76 30.06 -3.12
N LYS A 320 -5.03 30.41 -2.95
CA LYS A 320 -5.48 31.79 -2.85
C LYS A 320 -6.10 32.05 -1.48
N PRO A 321 -6.05 33.30 -0.98
CA PRO A 321 -6.39 33.55 0.42
C PRO A 321 -7.87 33.46 0.77
N ASN A 322 -8.71 33.06 -0.19
CA ASN A 322 -10.12 32.79 0.09
C ASN A 322 -10.47 31.31 -0.09
N ASP A 323 -9.47 30.47 -0.33
CA ASP A 323 -9.71 29.08 -0.68
C ASP A 323 -10.17 28.27 0.52
N LEU A 324 -10.92 27.20 0.23
CA LEU A 324 -11.31 26.20 1.22
C LEU A 324 -10.80 24.85 0.74
N VAL A 325 -9.93 24.23 1.53
CA VAL A 325 -9.25 23.01 1.14
C VAL A 325 -9.79 21.86 1.99
N ILE A 326 -10.41 20.88 1.34
CA ILE A 326 -10.93 19.70 2.00
C ILE A 326 -9.93 18.55 1.80
N ILE A 327 -9.37 18.07 2.90
CA ILE A 327 -8.33 17.04 2.87
C ILE A 327 -8.98 15.69 3.16
N SER A 328 -8.81 14.75 2.22
CA SER A 328 -9.28 13.37 2.39
C SER A 328 -8.13 12.45 1.99
N ALA A 329 -7.11 12.37 2.83
CA ALA A 329 -5.93 11.57 2.55
C ALA A 329 -6.17 10.11 2.87
N LYS A 330 -5.26 9.25 2.44
CA LYS A 330 -5.35 7.81 2.79
C LYS A 330 -5.19 7.73 4.29
N ALA A 331 -5.91 6.86 4.97
CA ALA A 331 -5.76 6.59 6.41
C ALA A 331 -4.49 5.79 6.66
N ILE A 332 -3.34 6.43 6.50
CA ILE A 332 -2.08 5.74 6.82
C ILE A 332 -1.76 6.16 8.24
N PRO A 333 -1.97 5.30 9.25
CA PRO A 333 -1.74 5.68 10.63
C PRO A 333 -0.31 6.19 10.79
N GLY A 334 -0.13 7.29 11.53
CA GLY A 334 1.20 7.89 11.68
C GLY A 334 1.41 8.98 10.67
N ASN A 335 0.32 9.62 10.25
CA ASN A 335 0.41 10.65 9.21
C ASN A 335 0.14 12.01 9.82
N GLU A 336 -0.11 12.06 11.12
CA GLU A 336 -0.59 13.32 11.70
C GLU A 336 0.41 14.45 11.53
N ALA A 337 1.70 14.18 11.70
CA ALA A 337 2.70 15.23 11.60
C ALA A 337 2.76 15.80 10.19
N SER A 338 2.62 14.94 9.18
CA SER A 338 2.67 15.41 7.79
C SER A 338 1.43 16.23 7.45
N VAL A 339 0.26 15.78 7.89
CA VAL A 339 -0.95 16.60 7.76
C VAL A 339 -0.75 17.95 8.43
N SER A 340 -0.09 17.96 9.60
CA SER A 340 0.15 19.22 10.30
C SER A 340 1.07 20.13 9.48
N ALA A 341 2.07 19.55 8.81
CA ALA A 341 2.96 20.36 7.98
C ALA A 341 2.19 21.00 6.82
N VAL A 342 1.42 20.18 6.08
CA VAL A 342 0.60 20.73 5.00
C VAL A 342 -0.35 21.80 5.54
N LEU A 343 -0.92 21.55 6.72
CA LEU A 343 -1.85 22.49 7.32
C LEU A 343 -1.17 23.82 7.64
N ASN A 344 0.07 23.75 8.16
CA ASN A 344 0.84 24.97 8.40
C ASN A 344 1.02 25.76 7.12
N PHE A 345 1.48 25.08 6.06
CA PHE A 345 1.70 25.78 4.80
C PHE A 345 0.41 26.39 4.24
N LEU A 346 -0.73 25.71 4.45
CA LEU A 346 -1.99 26.22 3.93
C LEU A 346 -2.51 27.39 4.75
N ILE A 347 -2.34 27.36 6.07
CA ILE A 347 -2.80 28.48 6.90
C ILE A 347 -1.91 29.69 6.69
N LYS A 348 -0.62 29.49 6.37
CA LYS A 348 0.22 30.63 6.03
C LYS A 348 -0.35 31.39 4.84
N LYS A 349 -0.91 30.67 3.87
CA LYS A 349 -1.54 31.28 2.70
C LYS A 349 -2.98 31.74 2.97
N GLU A 350 -3.40 31.76 4.23
CA GLU A 350 -4.71 32.29 4.64
C GLU A 350 -5.86 31.53 4.01
N ALA A 351 -5.74 30.21 3.95
CA ALA A 351 -6.77 29.34 3.37
C ALA A 351 -7.45 28.54 4.47
N LYS A 352 -8.78 28.52 4.45
CA LYS A 352 -9.54 27.69 5.37
C LYS A 352 -9.37 26.22 5.00
N VAL A 353 -9.27 25.36 5.99
CA VAL A 353 -8.99 23.94 5.78
C VAL A 353 -9.99 23.11 6.57
N ALA A 354 -10.56 22.10 5.92
CA ALA A 354 -11.44 21.11 6.54
C ALA A 354 -10.79 19.75 6.40
N TYR A 355 -10.38 19.16 7.52
CA TYR A 355 -9.70 17.87 7.53
C TYR A 355 -10.21 16.90 8.59
N GLN A 356 -10.83 17.38 9.67
CA GLN A 356 -11.26 16.50 10.74
C GLN A 356 -12.42 15.60 10.29
N GLU A 357 -13.43 16.20 9.68
CA GLU A 357 -14.62 15.45 9.27
C GLU A 357 -14.39 14.56 8.05
N PHE A 358 -13.13 14.40 7.63
CA PHE A 358 -12.78 13.43 6.60
C PHE A 358 -11.58 12.59 7.02
N ASP A 359 -11.30 12.54 8.32
CA ASP A 359 -10.24 11.71 8.87
C ASP A 359 -10.70 10.25 8.90
N ASN A 360 -9.89 9.39 9.53
CA ASN A 360 -10.25 7.98 9.68
C ASN A 360 -11.27 7.75 10.78
N ILE A 361 -11.36 8.65 11.77
CA ILE A 361 -12.26 8.43 12.90
C ILE A 361 -13.71 8.65 12.48
N HIS A 362 -13.96 9.65 11.64
CA HIS A 362 -15.33 9.96 11.25
C HIS A 362 -15.92 8.85 10.37
N VAL A 363 -15.16 8.41 9.37
CA VAL A 363 -15.45 7.19 8.63
C VAL A 363 -14.21 6.31 8.64
N SER A 364 -14.36 5.08 9.13
CA SER A 364 -13.24 4.15 9.21
C SER A 364 -13.20 3.18 8.04
N GLY A 365 -14.32 2.94 7.36
CA GLY A 365 -14.33 2.10 6.19
C GLY A 365 -14.28 0.62 6.49
N HIS A 366 -13.69 0.29 7.63
CA HIS A 366 -13.54 -1.13 8.01
C HIS A 366 -14.51 -1.45 9.14
N ALA A 367 -14.92 -2.70 9.25
CA ALA A 367 -15.93 -3.11 10.22
C ALA A 367 -15.44 -2.92 11.65
N ALA A 368 -16.26 -2.25 12.45
CA ALA A 368 -16.00 -2.11 13.88
C ALA A 368 -16.49 -3.36 14.60
N GLN A 369 -16.56 -3.32 15.92
CA GLN A 369 -16.84 -4.53 16.69
C GLN A 369 -18.25 -5.04 16.45
N GLU A 370 -19.25 -4.15 16.40
CA GLU A 370 -20.62 -4.61 16.17
C GLU A 370 -20.77 -5.23 14.79
N GLU A 371 -20.09 -4.67 13.79
CA GLU A 371 -20.18 -5.23 12.45
C GLU A 371 -19.46 -6.57 12.35
N GLN A 372 -18.30 -6.69 13.00
CA GLN A 372 -17.63 -7.99 13.06
C GLN A 372 -18.52 -9.03 13.75
N LYS A 373 -19.20 -8.64 14.82
CA LYS A 373 -20.08 -9.57 15.52
C LYS A 373 -21.27 -9.94 14.66
N LEU A 374 -21.80 -8.98 13.89
CA LEU A 374 -22.88 -9.29 12.96
C LEU A 374 -22.43 -10.30 11.91
N MET A 375 -21.22 -10.13 11.38
CA MET A 375 -20.68 -11.11 10.43
C MET A 375 -20.57 -12.48 11.07
N LEU A 376 -20.04 -12.53 12.30
CA LEU A 376 -19.87 -13.81 12.97
C LEU A 376 -21.21 -14.50 13.22
N ARG A 377 -22.23 -13.72 13.59
CA ARG A 377 -23.55 -14.31 13.85
C ARG A 377 -24.25 -14.71 12.55
N LEU A 378 -23.99 -13.99 11.45
CA LEU A 378 -24.60 -14.36 10.18
C LEU A 378 -23.97 -15.63 9.62
N ILE A 379 -22.64 -15.75 9.73
CA ILE A 379 -21.94 -16.87 9.11
C ILE A 379 -21.92 -18.10 10.01
N LYS A 380 -21.74 -17.91 11.31
CA LYS A 380 -21.71 -19.02 12.28
C LYS A 380 -20.62 -20.00 11.86
N PRO A 381 -19.34 -19.61 11.81
CA PRO A 381 -18.31 -20.54 11.35
C PRO A 381 -17.85 -21.47 12.46
N LYS A 382 -17.43 -22.67 12.06
CA LYS A 382 -16.81 -23.59 13.00
C LYS A 382 -15.40 -23.14 13.33
N PHE A 383 -14.64 -22.71 12.33
CA PHE A 383 -13.29 -22.21 12.51
C PHE A 383 -13.19 -20.77 12.02
N PHE A 384 -12.26 -20.02 12.59
CA PHE A 384 -12.16 -18.59 12.32
C PHE A 384 -10.70 -18.21 12.12
N LEU A 385 -10.43 -17.42 11.09
CA LEU A 385 -9.09 -16.91 10.78
C LEU A 385 -9.16 -15.41 10.56
N PRO A 386 -8.89 -14.61 11.59
CA PRO A 386 -8.93 -13.14 11.40
C PRO A 386 -7.80 -12.70 10.47
N VAL A 387 -8.19 -11.87 9.53
CA VAL A 387 -7.22 -11.43 8.49
C VAL A 387 -7.30 -9.92 8.34
N HIS A 388 -6.47 -9.36 7.47
CA HIS A 388 -6.46 -7.91 7.18
C HIS A 388 -6.12 -7.13 8.43
N GLY A 389 -4.87 -7.25 8.86
CA GLY A 389 -4.41 -6.47 9.99
C GLY A 389 -3.10 -6.96 10.54
N GLU A 390 -2.56 -6.23 11.50
CA GLU A 390 -1.36 -6.66 12.20
C GLU A 390 -1.75 -7.67 13.28
N TYR A 391 -0.76 -8.07 14.09
CA TYR A 391 -1.00 -9.14 15.05
C TYR A 391 -1.98 -8.71 16.14
N ASN A 392 -1.83 -7.49 16.66
CA ASN A 392 -2.75 -7.05 17.71
C ASN A 392 -4.18 -6.90 17.20
N HIS A 393 -4.34 -6.49 15.95
CA HIS A 393 -5.68 -6.39 15.36
C HIS A 393 -6.37 -7.75 15.33
N VAL A 394 -5.69 -8.76 14.76
CA VAL A 394 -6.31 -10.08 14.65
C VAL A 394 -6.47 -10.72 16.02
N ALA A 395 -5.61 -10.36 16.98
CA ALA A 395 -5.78 -10.86 18.35
C ALA A 395 -7.07 -10.30 18.97
N ARG A 396 -7.29 -9.00 18.81
CA ARG A 396 -8.53 -8.42 19.32
C ARG A 396 -9.75 -9.01 18.62
N HIS A 397 -9.62 -9.27 17.32
CA HIS A 397 -10.73 -9.90 16.60
C HIS A 397 -11.00 -11.30 17.11
N LYS A 398 -9.95 -12.04 17.45
CA LYS A 398 -10.12 -13.35 18.07
C LYS A 398 -10.83 -13.24 19.41
N GLN A 399 -10.49 -12.22 20.19
CA GLN A 399 -11.21 -11.96 21.45
C GLN A 399 -12.70 -11.77 21.19
N THR A 400 -13.03 -10.95 20.19
CA THR A 400 -14.44 -10.72 19.85
C THR A 400 -15.13 -12.03 19.45
N ALA A 401 -14.48 -12.82 18.60
CA ALA A 401 -15.06 -14.09 18.18
C ALA A 401 -15.27 -15.03 19.36
N ILE A 402 -14.33 -15.04 20.31
CA ILE A 402 -14.51 -15.83 21.52
C ILE A 402 -15.75 -15.36 22.28
N SER A 403 -15.92 -14.04 22.40
CA SER A 403 -17.12 -13.52 23.03
C SER A 403 -18.38 -13.90 22.27
N CYS A 404 -18.27 -14.23 20.98
CA CYS A 404 -19.41 -14.67 20.19
C CYS A 404 -19.60 -16.18 20.20
N GLY A 405 -19.01 -16.89 21.16
CA GLY A 405 -19.23 -18.31 21.27
C GLY A 405 -18.44 -19.17 20.31
N VAL A 406 -17.36 -18.64 19.72
CA VAL A 406 -16.44 -19.43 18.92
C VAL A 406 -15.35 -19.96 19.86
N PRO A 407 -15.14 -21.27 19.94
CA PRO A 407 -14.12 -21.79 20.86
C PRO A 407 -12.74 -21.24 20.53
N GLU A 408 -12.00 -20.89 21.58
CA GLU A 408 -10.66 -20.34 21.42
C GLU A 408 -9.77 -21.26 20.60
N LYS A 409 -9.98 -22.57 20.72
CA LYS A 409 -9.17 -23.57 20.03
C LYS A 409 -9.46 -23.64 18.54
N ASN A 410 -10.55 -23.01 18.08
CA ASN A 410 -10.91 -22.99 16.67
C ASN A 410 -10.46 -21.72 15.97
N ILE A 411 -9.65 -20.89 16.62
CA ILE A 411 -9.18 -19.63 16.07
C ILE A 411 -7.66 -19.64 16.10
N TYR A 412 -7.06 -19.48 14.92
CA TYR A 412 -5.61 -19.33 14.81
C TYR A 412 -5.27 -17.92 14.34
N LEU A 413 -4.15 -17.41 14.83
CA LEU A 413 -3.66 -16.07 14.47
C LEU A 413 -2.48 -16.26 13.52
N MET A 414 -2.73 -16.06 12.23
CA MET A 414 -1.71 -16.31 11.20
C MET A 414 -0.75 -15.14 11.11
N GLU A 415 0.44 -15.37 10.58
CA GLU A 415 1.44 -14.32 10.30
C GLU A 415 1.86 -14.59 8.86
N ASP A 416 2.36 -13.60 8.13
CA ASP A 416 2.71 -13.79 6.71
C ASP A 416 3.71 -14.95 6.68
N GLY A 417 3.49 -15.96 5.84
CA GLY A 417 4.37 -17.14 5.70
C GLY A 417 3.71 -18.36 6.30
N ASP A 418 2.99 -18.19 7.39
CA ASP A 418 2.38 -19.34 8.09
C ASP A 418 1.52 -20.11 7.09
N GLN A 419 1.48 -21.43 7.19
CA GLN A 419 0.60 -22.30 6.38
C GLN A 419 -0.31 -22.97 7.40
N VAL A 420 -1.61 -22.96 7.22
CA VAL A 420 -2.59 -23.52 8.15
C VAL A 420 -3.51 -24.46 7.40
N GLU A 421 -3.56 -25.72 7.82
CA GLU A 421 -4.48 -26.68 7.26
C GLU A 421 -5.79 -26.64 8.01
N VAL A 422 -6.90 -26.64 7.27
CA VAL A 422 -8.24 -26.59 7.85
C VAL A 422 -9.06 -27.72 7.24
N GLY A 423 -9.61 -28.57 8.11
CA GLY A 423 -10.54 -29.60 7.70
C GLY A 423 -11.86 -29.44 8.42
N PRO A 424 -12.84 -30.28 8.09
CA PRO A 424 -14.17 -30.14 8.71
C PRO A 424 -14.18 -30.45 10.20
N ALA A 425 -13.02 -30.79 10.78
CA ALA A 425 -12.99 -31.10 12.21
C ALA A 425 -11.69 -30.71 12.89
N PHE A 426 -10.83 -29.91 12.28
CA PHE A 426 -9.56 -29.54 12.90
C PHE A 426 -9.02 -28.28 12.24
N ILE A 427 -8.03 -27.68 12.89
CA ILE A 427 -7.29 -26.55 12.35
C ILE A 427 -5.92 -26.52 13.02
N LYS A 428 -4.86 -26.42 12.21
CA LYS A 428 -3.51 -26.46 12.75
C LYS A 428 -2.54 -25.85 11.75
N LYS A 429 -1.51 -25.19 12.28
CA LYS A 429 -0.42 -24.71 11.45
C LYS A 429 0.48 -25.88 11.08
N VAL A 430 0.80 -26.01 9.80
CA VAL A 430 1.59 -27.13 9.30
C VAL A 430 2.99 -26.73 8.86
N GLY A 431 3.29 -25.44 8.77
CA GLY A 431 4.63 -25.02 8.42
C GLY A 431 4.67 -23.56 8.02
N THR A 432 5.79 -23.19 7.41
CA THR A 432 6.06 -21.83 6.99
C THR A 432 6.76 -21.83 5.65
N ILE A 433 6.44 -20.84 4.81
CA ILE A 433 7.10 -20.68 3.53
C ILE A 433 7.81 -19.33 3.50
N LYS A 434 8.37 -18.96 2.35
CA LYS A 434 9.11 -17.72 2.22
C LYS A 434 8.14 -16.59 1.89
N SER A 435 7.99 -15.66 2.83
CA SER A 435 7.13 -14.48 2.69
C SER A 435 8.05 -13.27 2.72
N GLY A 436 7.62 -12.14 2.19
CA GLY A 436 8.38 -10.92 2.26
C GLY A 436 7.65 -9.77 1.61
N LYS A 437 8.36 -8.67 1.43
CA LYS A 437 7.83 -7.48 0.79
C LYS A 437 8.83 -7.00 -0.26
N SER A 438 8.41 -5.98 -1.00
CA SER A 438 9.28 -5.31 -1.96
C SER A 438 8.81 -3.87 -2.09
N TYR A 439 9.74 -2.94 -1.96
CA TYR A 439 9.44 -1.49 -2.07
C TYR A 439 9.15 -1.19 -3.54
N VAL A 440 8.31 -0.21 -3.81
CA VAL A 440 7.87 0.15 -5.15
C VAL A 440 7.95 1.66 -5.31
N ASP A 441 8.62 2.11 -6.36
CA ASP A 441 8.73 3.53 -6.68
C ASP A 441 7.53 3.95 -7.51
N ASN A 442 6.77 4.91 -7.01
CA ASN A 442 5.53 5.33 -7.68
C ASN A 442 5.79 6.20 -8.91
N GLN A 443 7.01 6.67 -9.12
CA GLN A 443 7.33 7.47 -10.30
C GLN A 443 7.88 6.60 -11.44
N SER A 444 8.82 5.72 -11.13
CA SER A 444 9.48 4.90 -12.14
C SER A 444 8.85 3.52 -12.33
N ASN A 445 8.02 3.07 -11.38
CA ASN A 445 7.22 1.85 -11.52
C ASN A 445 8.10 0.61 -11.66
N LEU A 446 8.94 0.39 -10.66
CA LEU A 446 9.72 -0.84 -10.56
C LEU A 446 9.78 -1.30 -9.12
N SER A 447 9.94 -2.61 -8.94
CA SER A 447 10.03 -3.21 -7.62
C SER A 447 11.48 -3.37 -7.21
N ILE A 448 11.82 -3.12 -5.94
CA ILE A 448 13.20 -3.26 -5.39
C ILE A 448 13.04 -3.97 -4.03
N ASP A 449 13.64 -5.14 -3.80
CA ASP A 449 13.40 -5.95 -2.57
C ASP A 449 13.74 -5.16 -1.31
N THR A 450 13.11 -5.45 -0.18
CA THR A 450 13.32 -4.73 1.11
C THR A 450 14.77 -4.91 1.55
N SER A 451 15.45 -5.95 1.04
CA SER A 451 16.87 -6.23 1.37
C SER A 451 17.75 -5.13 0.78
N ILE A 452 17.51 -4.75 -0.47
CA ILE A 452 18.35 -3.74 -1.16
C ILE A 452 18.29 -2.45 -0.32
N VAL A 453 17.09 -2.02 0.07
CA VAL A 453 16.88 -0.73 0.79
C VAL A 453 17.42 -0.85 2.21
N GLN A 454 17.22 -2.00 2.86
CA GLN A 454 17.75 -2.22 4.23
C GLN A 454 19.23 -1.85 4.14
N GLN A 455 19.93 -2.33 3.12
CA GLN A 455 21.40 -2.08 2.96
C GLN A 455 21.61 -0.60 2.66
N ARG A 456 20.85 -0.03 1.74
CA ARG A 456 21.02 1.39 1.38
C ARG A 456 21.05 2.18 2.67
N GLU A 457 20.19 1.87 3.64
CA GLU A 457 20.08 2.59 4.93
C GLU A 457 21.03 1.97 5.96
N GLU A 458 21.48 0.73 5.80
CA GLU A 458 22.48 0.15 6.73
C GLU A 458 23.73 1.03 6.63
N VAL A 459 23.93 1.72 5.50
CA VAL A 459 25.10 2.62 5.29
C VAL A 459 24.61 4.09 5.19
N ALA A 460 23.49 4.37 4.51
CA ALA A 460 23.02 5.75 4.29
C ALA A 460 22.77 6.40 5.65
N SER A 461 22.47 5.59 6.69
CA SER A 461 22.41 6.05 8.11
C SER A 461 23.87 5.93 8.56
N ALA A 462 24.55 6.99 9.02
CA ALA A 462 26.04 7.03 9.28
C ALA A 462 26.61 7.48 7.93
N GLY A 463 27.89 7.79 7.76
CA GLY A 463 28.36 8.35 6.47
C GLY A 463 28.96 7.29 5.55
N VAL A 464 29.88 7.67 4.64
CA VAL A 464 30.56 6.70 3.72
C VAL A 464 31.92 7.32 3.33
N PHE A 465 33.04 6.87 3.91
CA PHE A 465 34.39 7.47 3.69
C PHE A 465 35.09 6.72 2.56
N VAL A 466 35.22 7.30 1.36
CA VAL A 466 35.93 6.67 0.20
C VAL A 466 37.43 6.95 0.34
N ALA A 467 38.31 6.11 -0.25
CA ALA A 467 39.77 6.38 -0.25
C ALA A 467 40.47 5.66 -1.42
N THR A 468 41.57 6.22 -1.93
CA THR A 468 42.35 5.61 -3.00
C THR A 468 43.84 5.77 -2.73
N ILE A 469 44.56 4.66 -2.79
CA ILE A 469 46.00 4.62 -2.57
C ILE A 469 46.83 4.15 -3.76
N PHE A 470 47.86 4.93 -4.12
CA PHE A 470 48.71 4.56 -5.25
C PHE A 470 50.13 4.36 -4.76
N VAL A 471 50.63 3.12 -4.74
CA VAL A 471 51.97 2.84 -4.23
C VAL A 471 52.86 2.16 -5.23
N ASN A 472 54.16 2.30 -5.03
CA ASN A 472 55.11 1.59 -5.87
C ASN A 472 55.69 0.46 -5.05
N LYS A 473 55.26 -0.75 -5.36
CA LYS A 473 55.62 -1.95 -4.63
C LYS A 473 57.12 -2.24 -4.62
N ASN A 474 57.86 -1.66 -5.59
CA ASN A 474 59.30 -1.90 -5.70
C ASN A 474 60.12 -0.85 -4.97
N LYS A 475 59.44 0.11 -4.33
CA LYS A 475 60.09 1.16 -3.56
C LYS A 475 59.49 1.07 -2.17
N GLN A 476 58.37 0.36 -2.13
CA GLN A 476 57.53 0.18 -0.94
C GLN A 476 57.10 1.52 -0.37
N ALA A 477 56.61 2.39 -1.24
CA ALA A 477 56.21 3.73 -0.81
C ALA A 477 55.09 4.32 -1.63
N LEU A 478 54.40 5.31 -1.05
CA LEU A 478 53.34 6.02 -1.77
C LEU A 478 53.95 6.68 -3.01
N LEU A 479 53.33 6.43 -4.16
CA LEU A 479 53.76 6.93 -5.46
C LEU A 479 53.06 8.24 -5.80
N GLU A 480 51.74 8.24 -5.65
CA GLU A 480 50.95 9.44 -5.95
C GLU A 480 50.13 9.72 -4.72
N SER A 481 49.79 10.98 -4.47
CA SER A 481 49.03 11.26 -3.26
C SER A 481 47.77 10.46 -3.17
N SER A 482 47.49 9.98 -1.97
CA SER A 482 46.28 9.27 -1.71
C SER A 482 45.16 10.26 -1.99
N GLN A 483 43.99 9.76 -2.37
CA GLN A 483 42.84 10.64 -2.63
C GLN A 483 41.64 10.20 -1.80
N PHE A 484 40.88 11.17 -1.30
CA PHE A 484 39.75 10.83 -0.44
C PHE A 484 38.48 11.61 -0.72
N SER A 485 37.36 11.02 -0.33
CA SER A 485 36.09 11.73 -0.33
C SER A 485 35.18 11.17 0.76
N SER A 486 34.25 11.99 1.23
CA SER A 486 33.32 11.56 2.27
C SER A 486 31.92 12.11 2.08
N LEU A 487 30.94 11.42 2.65
CA LEU A 487 29.58 11.94 2.66
C LEU A 487 28.73 11.45 3.85
N GLY A 488 28.13 12.39 4.58
CA GLY A 488 27.20 12.09 5.69
C GLY A 488 27.84 11.83 7.07
N LEU A 489 29.15 11.68 7.11
CA LEU A 489 29.86 11.38 8.35
C LEU A 489 29.84 12.57 9.32
N VAL A 490 30.29 13.71 8.81
CA VAL A 490 30.37 14.95 9.56
C VAL A 490 30.31 16.09 8.54
N GLY A 491 29.88 17.27 8.95
CA GLY A 491 29.85 18.40 8.01
C GLY A 491 31.25 18.64 7.43
N PHE A 492 31.26 19.07 6.17
CA PHE A 492 32.45 19.33 5.37
C PHE A 492 33.50 20.19 6.08
N LYS A 493 33.06 21.23 6.77
CA LYS A 493 33.99 22.13 7.45
C LYS A 493 34.90 21.42 8.47
N ASP A 494 34.46 20.27 9.00
CA ASP A 494 35.21 19.49 9.96
C ASP A 494 35.89 18.31 9.27
N GLU A 495 35.56 17.98 7.98
CA GLU A 495 36.18 16.85 7.17
C GLU A 495 37.30 17.22 6.14
N LYS A 496 37.33 18.49 5.72
CA LYS A 496 38.44 18.98 4.85
C LYS A 496 39.75 18.74 5.62
N PRO A 497 39.88 19.12 6.92
CA PRO A 497 41.09 18.81 7.70
C PRO A 497 41.16 17.38 8.29
N LEU A 498 40.05 16.65 8.48
CA LEU A 498 40.09 15.24 8.95
C LEU A 498 40.55 14.40 7.74
N ILE A 499 40.15 14.78 6.53
CA ILE A 499 40.66 14.14 5.26
C ILE A 499 42.18 14.27 5.15
N LYS A 500 42.77 15.41 5.54
CA LYS A 500 44.24 15.62 5.59
C LYS A 500 44.85 14.82 6.76
N GLU A 501 44.10 14.58 7.84
CA GLU A 501 44.61 13.87 9.06
C GLU A 501 44.57 12.35 8.89
N ILE A 502 43.73 11.82 7.99
CA ILE A 502 43.67 10.36 7.69
C ILE A 502 44.64 10.08 6.54
N GLN A 503 44.90 11.04 5.66
CA GLN A 503 45.89 10.99 4.59
C GLN A 503 47.29 10.89 5.15
N GLY A 504 47.60 11.72 6.15
CA GLY A 504 48.90 11.71 6.80
C GLY A 504 49.15 10.34 7.40
N GLY A 505 48.17 9.87 8.16
CA GLY A 505 48.22 8.56 8.80
C GLY A 505 48.55 7.48 7.79
N LEU A 506 47.77 7.43 6.71
CA LEU A 506 47.99 6.43 5.68
C LEU A 506 49.33 6.57 4.96
N GLU A 507 49.80 7.79 4.68
CA GLU A 507 51.10 7.88 4.00
C GLU A 507 52.20 7.23 4.85
N VAL A 508 52.16 7.50 6.15
CA VAL A 508 53.14 6.94 7.07
C VAL A 508 52.98 5.43 7.17
N LEU A 509 51.73 4.98 7.31
CA LEU A 509 51.41 3.57 7.43
C LEU A 509 51.97 2.81 6.24
N LEU A 510 51.73 3.33 5.04
CA LEU A 510 52.17 2.67 3.83
C LEU A 510 53.68 2.57 3.74
N LYS A 511 54.38 3.66 4.06
CA LYS A 511 55.83 3.63 4.00
C LYS A 511 56.41 2.67 5.04
N SER A 512 55.67 2.49 6.13
CA SER A 512 56.05 1.62 7.24
C SER A 512 55.53 0.18 7.07
N SER A 513 54.77 -0.11 6.01
CA SER A 513 54.17 -1.43 5.83
C SER A 513 55.12 -2.45 5.27
N ASN A 514 54.84 -3.72 5.57
CA ASN A 514 55.60 -4.82 5.01
C ASN A 514 55.41 -4.84 3.50
N ALA A 515 56.48 -5.18 2.79
CA ALA A 515 56.40 -5.25 1.34
C ALA A 515 55.30 -6.19 0.88
N GLU A 516 55.03 -7.28 1.59
CA GLU A 516 53.98 -8.19 1.14
C GLU A 516 52.62 -7.51 1.04
N ILE A 517 52.34 -6.59 1.97
CA ILE A 517 51.06 -5.92 1.99
C ILE A 517 50.97 -5.04 0.76
N LEU A 518 52.07 -4.32 0.52
CA LEU A 518 52.15 -3.40 -0.60
C LEU A 518 52.17 -4.14 -1.95
N ASN A 519 52.78 -5.34 -1.98
CA ASN A 519 52.87 -6.17 -3.18
C ASN A 519 51.52 -6.72 -3.62
N ASN A 520 50.64 -7.02 -2.66
CA ASN A 520 49.32 -7.54 -2.98
C ASN A 520 48.21 -6.56 -2.57
N PRO A 521 47.66 -5.77 -3.52
CA PRO A 521 46.68 -4.73 -3.31
C PRO A 521 45.51 -5.15 -2.43
N LYS A 522 45.11 -6.42 -2.45
CA LYS A 522 43.96 -6.80 -1.62
C LYS A 522 44.31 -6.65 -0.16
N LYS A 523 45.51 -7.07 0.22
CA LYS A 523 45.89 -7.00 1.61
C LYS A 523 46.02 -5.54 1.98
N LEU A 524 46.52 -4.75 1.03
CA LEU A 524 46.65 -3.34 1.30
C LEU A 524 45.29 -2.69 1.52
N GLU A 525 44.30 -3.01 0.67
CA GLU A 525 42.97 -2.45 0.84
C GLU A 525 42.34 -2.87 2.17
N ASP A 526 42.51 -4.14 2.57
CA ASP A 526 41.93 -4.57 3.84
C ASP A 526 42.62 -3.89 5.02
N HIS A 527 43.94 -3.75 4.92
CA HIS A 527 44.76 -3.10 5.94
C HIS A 527 44.31 -1.64 6.08
N THR A 528 44.19 -0.96 4.95
CA THR A 528 43.77 0.43 4.87
C THR A 528 42.38 0.64 5.44
N ARG A 529 41.43 -0.23 5.07
CA ARG A 529 40.06 -0.07 5.57
C ARG A 529 40.03 -0.17 7.09
N ASN A 530 40.81 -1.10 7.66
CA ASN A 530 40.84 -1.25 9.11
C ASN A 530 41.51 -0.04 9.78
N PHE A 531 42.58 0.48 9.17
CA PHE A 531 43.26 1.65 9.71
C PHE A 531 42.29 2.81 9.80
N ILE A 532 41.61 3.07 8.69
CA ILE A 532 40.69 4.17 8.60
C ILE A 532 39.53 3.95 9.55
N ARG A 533 38.96 2.75 9.61
CA ARG A 533 37.85 2.47 10.49
C ARG A 533 38.17 2.83 11.93
N LYS A 534 39.35 2.44 12.40
CA LYS A 534 39.72 2.75 13.76
C LYS A 534 39.89 4.26 13.94
N ALA A 535 40.53 4.90 12.96
CA ALA A 535 40.75 6.34 13.04
C ALA A 535 39.43 7.12 13.05
N LEU A 536 38.46 6.69 12.25
CA LEU A 536 37.23 7.44 12.16
C LEU A 536 36.39 7.21 13.37
N PHE A 537 36.36 5.98 13.88
CA PHE A 537 35.57 5.72 15.08
C PHE A 537 36.10 6.57 16.23
N LYS A 538 37.41 6.59 16.42
CA LYS A 538 37.96 7.38 17.51
C LYS A 538 37.58 8.87 17.40
N LYS A 539 37.48 9.40 16.18
CA LYS A 539 37.13 10.81 15.99
C LYS A 539 35.61 11.12 15.98
N PHE A 540 34.79 10.18 15.49
CA PHE A 540 33.35 10.43 15.33
C PHE A 540 32.40 9.55 16.15
N ARG A 541 32.89 8.45 16.71
CA ARG A 541 32.10 7.44 17.41
C ARG A 541 31.05 6.81 16.47
N LYS A 542 31.42 6.73 15.20
CA LYS A 542 30.63 6.16 14.12
C LYS A 542 31.47 5.14 13.38
N TYR A 543 30.79 4.25 12.67
CA TYR A 543 31.44 3.28 11.80
C TYR A 543 30.90 3.40 10.37
N PRO A 544 31.36 4.38 9.58
CA PRO A 544 30.89 4.69 8.24
C PRO A 544 31.26 3.60 7.31
N ALA A 545 30.55 3.48 6.20
CA ALA A 545 30.98 2.50 5.23
C ALA A 545 32.35 2.93 4.74
N ILE A 546 33.29 2.01 4.61
CA ILE A 546 34.61 2.39 4.12
C ILE A 546 34.98 1.60 2.90
N ILE A 547 35.23 2.34 1.84
CA ILE A 547 35.59 1.77 0.57
C ILE A 547 36.96 2.20 0.18
N CYS A 548 37.84 1.23 -0.03
CA CYS A 548 39.17 1.59 -0.42
C CYS A 548 39.54 0.93 -1.72
N HIS A 549 40.44 1.59 -2.42
CA HIS A 549 40.97 1.08 -3.67
C HIS A 549 42.47 1.25 -3.68
N ALA A 550 43.21 0.19 -3.97
CA ALA A 550 44.65 0.32 -4.04
C ALA A 550 45.14 0.05 -5.45
N HIS A 551 46.19 0.77 -5.82
CA HIS A 551 46.81 0.61 -7.12
C HIS A 551 48.31 0.42 -6.96
N SER A 552 48.88 -0.34 -7.88
CA SER A 552 50.30 -0.61 -7.94
C SER A 552 50.81 -0.41 -9.36
N PHE A 553 50.27 0.62 -10.01
CA PHE A 553 50.60 0.91 -11.40
C PHE A 553 51.27 2.28 -11.51
#